data_1A9S
#
_entry.id   1A9S
#
_cell.length_a   94.200
_cell.length_b   94.200
_cell.length_c   94.200
_cell.angle_alpha   90.00
_cell.angle_beta   90.00
_cell.angle_gamma   90.00
#
_symmetry.space_group_name_H-M   'P 21 3'
#
loop_
_entity.id
_entity.type
_entity.pdbx_description
1 polymer 'PURINE NUCLEOSIDE PHOSPHORYLASE'
2 non-polymer 'SULFATE ION'
3 non-polymer INOSINE
4 water water
#
_entity_poly.entity_id   1
_entity_poly.type   'polypeptide(L)'
_entity_poly.pdbx_seq_one_letter_code
;MQNGYTYEDYQDTAKWLLSHTEQRPQVAVICGSGLGGLVNKLTQAQTFDYSEIPNFPESTVPGHAGRLVFGILNGRACVM
MQGRFHMYEGYPFWKVTFPVRVFRLLGVETLVVTNAAGGLNPNFEVGDIMLIRDHINLPGFSGENPLRGPNEERFGVRFP
AMSDAYDRDMRQKAHSTWKQMGEQRELQEGTYVMLGGPNFETVAECRLLRNLGADAVGMSTVPEVIVARHCGLRVFGFSL
ITNKVIMDTESQGKANHEEVLEAGKQAAQKLEQFVSLLMASIPVSGHTG
;
_entity_poly.pdbx_strand_id   A
#
# COMPACT_ATOMS: atom_id res chain seq x y z
N MET A 1 -11.52 9.34 -19.96
CA MET A 1 -12.63 9.92 -19.14
C MET A 1 -12.43 9.57 -17.67
N GLN A 2 -13.40 9.94 -16.84
CA GLN A 2 -13.34 9.68 -15.40
C GLN A 2 -13.53 8.19 -15.11
N ASN A 3 -13.97 7.87 -13.90
CA ASN A 3 -14.17 6.47 -13.50
C ASN A 3 -15.07 5.71 -14.48
N GLY A 4 -14.55 4.60 -15.00
CA GLY A 4 -15.30 3.78 -15.94
C GLY A 4 -16.04 2.62 -15.32
N TYR A 5 -15.84 2.39 -14.02
CA TYR A 5 -16.53 1.30 -13.33
C TYR A 5 -17.78 1.82 -12.67
N THR A 6 -18.88 1.10 -12.83
CA THR A 6 -20.13 1.48 -12.18
C THR A 6 -20.19 0.61 -10.92
N TYR A 7 -21.05 0.98 -9.98
CA TYR A 7 -21.19 0.24 -8.73
C TYR A 7 -21.39 -1.25 -9.00
N GLU A 8 -22.12 -1.56 -10.06
CA GLU A 8 -22.41 -2.94 -10.44
C GLU A 8 -21.17 -3.74 -10.80
N ASP A 9 -20.19 -3.09 -11.41
CA ASP A 9 -18.95 -3.75 -11.80
C ASP A 9 -18.19 -4.26 -10.59
N TYR A 10 -18.14 -3.43 -9.54
CA TYR A 10 -17.46 -3.80 -8.30
C TYR A 10 -18.23 -4.95 -7.68
N GLN A 11 -19.56 -4.82 -7.72
CA GLN A 11 -20.48 -5.80 -7.18
C GLN A 11 -20.32 -7.17 -7.84
N ASP A 12 -20.25 -7.18 -9.17
CA ASP A 12 -20.09 -8.44 -9.91
C ASP A 12 -18.80 -9.14 -9.52
N THR A 13 -17.72 -8.39 -9.48
CA THR A 13 -16.42 -8.94 -9.12
C THR A 13 -16.45 -9.50 -7.69
N ALA A 14 -17.13 -8.81 -6.78
CA ALA A 14 -17.22 -9.27 -5.40
C ALA A 14 -18.00 -10.58 -5.34
N LYS A 15 -19.10 -10.66 -6.10
CA LYS A 15 -19.91 -11.87 -6.11
C LYS A 15 -19.14 -13.05 -6.67
N TRP A 16 -18.32 -12.79 -7.68
CA TRP A 16 -17.52 -13.83 -8.31
C TRP A 16 -16.54 -14.40 -7.30
N LEU A 17 -15.88 -13.55 -6.53
CA LEU A 17 -14.92 -14.02 -5.55
C LEU A 17 -15.65 -14.81 -4.46
N LEU A 18 -16.77 -14.27 -3.99
CA LEU A 18 -17.58 -14.92 -2.95
C LEU A 18 -18.06 -16.31 -3.39
N SER A 19 -18.30 -16.49 -4.68
CA SER A 19 -18.77 -17.79 -5.18
C SER A 19 -17.66 -18.77 -5.52
N HIS A 20 -16.41 -18.36 -5.33
CA HIS A 20 -15.29 -19.23 -5.65
C HIS A 20 -14.39 -19.58 -4.49
N THR A 21 -14.69 -19.06 -3.31
CA THR A 21 -13.90 -19.34 -2.12
C THR A 21 -14.84 -19.31 -0.91
N GLU A 22 -14.53 -20.10 0.11
CA GLU A 22 -15.35 -20.09 1.32
C GLU A 22 -14.76 -19.09 2.30
N GLN A 23 -13.60 -18.54 1.94
CA GLN A 23 -12.91 -17.58 2.76
C GLN A 23 -13.67 -16.27 2.83
N ARG A 24 -13.86 -15.78 4.05
CA ARG A 24 -14.55 -14.51 4.30
C ARG A 24 -13.58 -13.63 5.10
N PRO A 25 -12.66 -12.95 4.41
CA PRO A 25 -11.66 -12.07 5.05
C PRO A 25 -12.22 -10.82 5.68
N GLN A 26 -11.56 -10.35 6.73
CA GLN A 26 -11.96 -9.13 7.41
C GLN A 26 -10.86 -8.09 7.26
N VAL A 27 -9.66 -8.55 6.90
CA VAL A 27 -8.51 -7.69 6.70
C VAL A 27 -7.98 -7.86 5.27
N ALA A 28 -7.56 -6.77 4.65
CA ALA A 28 -7.01 -6.81 3.30
C ALA A 28 -5.61 -6.24 3.38
N VAL A 29 -4.66 -6.87 2.71
CA VAL A 29 -3.28 -6.40 2.72
C VAL A 29 -2.78 -6.23 1.29
N ILE A 30 -2.18 -5.07 1.01
CA ILE A 30 -1.64 -4.81 -0.32
C ILE A 30 -0.13 -4.84 -0.20
N CYS A 31 0.49 -5.81 -0.87
CA CYS A 31 1.94 -5.97 -0.83
C CYS A 31 2.64 -5.15 -1.90
N GLY A 32 3.64 -4.37 -1.47
CA GLY A 32 4.40 -3.54 -2.39
C GLY A 32 5.63 -4.24 -2.93
N SER A 33 6.50 -3.49 -3.61
CA SER A 33 7.73 -4.04 -4.19
C SER A 33 8.59 -4.75 -3.15
N GLY A 34 8.94 -6.02 -3.44
CA GLY A 34 9.76 -6.79 -2.55
C GLY A 34 9.08 -7.23 -1.27
N LEU A 35 7.76 -7.09 -1.20
CA LEU A 35 7.00 -7.48 -0.01
C LEU A 35 6.05 -8.65 -0.30
N GLY A 36 6.13 -9.19 -1.51
CA GLY A 36 5.30 -10.31 -1.89
C GLY A 36 5.49 -11.58 -1.08
N GLY A 37 6.51 -11.60 -0.23
CA GLY A 37 6.76 -12.76 0.59
C GLY A 37 5.77 -12.95 1.73
N LEU A 38 5.14 -11.87 2.17
CA LEU A 38 4.15 -11.91 3.26
C LEU A 38 3.08 -12.97 3.05
N VAL A 39 2.84 -13.30 1.79
CA VAL A 39 1.85 -14.30 1.40
C VAL A 39 2.17 -15.72 1.87
N ASN A 40 3.44 -16.10 1.84
CA ASN A 40 3.82 -17.46 2.22
C ASN A 40 3.58 -17.90 3.67
N LYS A 41 3.06 -17.00 4.49
CA LYS A 41 2.76 -17.34 5.89
C LYS A 41 1.27 -17.61 6.08
N LEU A 42 0.50 -17.56 5.00
CA LEU A 42 -0.95 -17.81 5.05
C LEU A 42 -1.26 -19.30 5.14
N THR A 43 -2.27 -19.66 5.91
CA THR A 43 -2.68 -21.06 6.03
C THR A 43 -4.02 -21.19 5.31
N GLN A 44 -4.31 -22.36 4.75
CA GLN A 44 -5.56 -22.60 4.03
C GLN A 44 -5.72 -21.58 2.90
N ALA A 45 -4.61 -21.31 2.23
CA ALA A 45 -4.57 -20.32 1.16
C ALA A 45 -5.21 -20.73 -0.16
N GLN A 46 -5.78 -19.75 -0.85
CA GLN A 46 -6.39 -19.97 -2.15
C GLN A 46 -5.94 -18.79 -2.97
N THR A 47 -5.40 -19.07 -4.15
CA THR A 47 -4.86 -18.05 -5.03
C THR A 47 -5.65 -17.86 -6.31
N PHE A 48 -5.73 -16.61 -6.75
CA PHE A 48 -6.40 -16.26 -7.98
C PHE A 48 -5.47 -15.31 -8.72
N ASP A 49 -5.18 -15.59 -9.99
CA ASP A 49 -4.35 -14.68 -10.76
C ASP A 49 -5.28 -13.52 -11.10
N TYR A 50 -4.75 -12.29 -11.11
CA TYR A 50 -5.60 -11.14 -11.43
C TYR A 50 -6.33 -11.32 -12.77
N SER A 51 -5.65 -12.00 -13.71
CA SER A 51 -6.20 -12.24 -15.05
C SER A 51 -7.42 -13.14 -15.11
N GLU A 52 -7.73 -13.85 -14.03
CA GLU A 52 -8.91 -14.71 -14.06
C GLU A 52 -10.10 -14.12 -13.31
N ILE A 53 -9.87 -13.04 -12.58
CA ILE A 53 -10.92 -12.37 -11.83
C ILE A 53 -11.49 -11.32 -12.78
N PRO A 54 -12.75 -11.48 -13.17
CA PRO A 54 -13.44 -10.55 -14.09
C PRO A 54 -12.91 -9.13 -14.34
N ASN A 55 -13.35 -8.14 -13.58
CA ASN A 55 -12.92 -6.77 -13.87
C ASN A 55 -11.56 -6.31 -13.31
N PHE A 56 -10.66 -7.25 -13.05
CA PHE A 56 -9.34 -6.93 -12.48
C PHE A 56 -8.25 -6.49 -13.44
N PRO A 57 -7.46 -5.46 -13.05
CA PRO A 57 -6.35 -4.95 -13.86
C PRO A 57 -5.17 -5.93 -13.67
N GLU A 58 -4.03 -5.68 -14.30
CA GLU A 58 -2.89 -6.58 -14.15
C GLU A 58 -1.56 -5.89 -13.79
N SER A 59 -0.78 -6.54 -12.94
CA SER A 59 0.52 -6.00 -12.52
C SER A 59 1.52 -6.28 -13.63
N THR A 60 2.33 -5.30 -13.99
CA THR A 60 3.33 -5.47 -15.04
C THR A 60 4.73 -5.19 -14.52
N VAL A 61 4.80 -4.78 -13.25
CA VAL A 61 6.08 -4.44 -12.63
C VAL A 61 6.75 -5.63 -11.96
N PRO A 62 8.08 -5.77 -12.13
CA PRO A 62 8.82 -6.86 -11.53
C PRO A 62 8.74 -6.68 -10.01
N GLY A 63 8.44 -7.77 -9.31
CA GLY A 63 8.31 -7.72 -7.86
C GLY A 63 6.84 -7.70 -7.50
N HIS A 64 6.00 -7.76 -8.52
CA HIS A 64 4.54 -7.76 -8.33
C HIS A 64 3.99 -8.96 -9.10
N ALA A 65 3.85 -10.07 -8.40
CA ALA A 65 3.37 -11.32 -8.98
C ALA A 65 2.01 -11.18 -9.67
N GLY A 66 1.12 -10.40 -9.09
CA GLY A 66 -0.19 -10.21 -9.67
C GLY A 66 -1.14 -11.34 -9.32
N ARG A 67 -1.25 -11.62 -8.03
CA ARG A 67 -2.13 -12.69 -7.53
C ARG A 67 -2.88 -12.24 -6.29
N LEU A 68 -4.15 -12.66 -6.19
CA LEU A 68 -5.02 -12.37 -5.05
C LEU A 68 -5.00 -13.64 -4.22
N VAL A 69 -4.54 -13.54 -2.98
CA VAL A 69 -4.48 -14.71 -2.14
C VAL A 69 -5.30 -14.58 -0.87
N PHE A 70 -6.21 -15.53 -0.66
CA PHE A 70 -7.03 -15.54 0.55
C PHE A 70 -6.36 -16.54 1.47
N GLY A 71 -6.45 -16.30 2.77
CA GLY A 71 -5.84 -17.21 3.71
C GLY A 71 -6.00 -16.75 5.14
N ILE A 72 -5.46 -17.54 6.04
CA ILE A 72 -5.51 -17.23 7.45
C ILE A 72 -4.11 -16.91 7.93
N LEU A 73 -3.94 -15.71 8.46
CA LEU A 73 -2.65 -15.25 8.97
C LEU A 73 -2.79 -14.98 10.46
N ASN A 74 -2.07 -15.77 11.26
CA ASN A 74 -2.08 -15.64 12.71
C ASN A 74 -3.51 -15.58 13.26
N GLY A 75 -4.35 -16.50 12.81
CA GLY A 75 -5.73 -16.55 13.26
C GLY A 75 -6.72 -15.65 12.56
N ARG A 76 -6.25 -14.59 11.89
CA ARG A 76 -7.16 -13.69 11.19
C ARG A 76 -7.32 -14.07 9.72
N ALA A 77 -8.57 -14.04 9.24
CA ALA A 77 -8.86 -14.36 7.86
C ALA A 77 -8.61 -13.09 7.04
N CYS A 78 -7.75 -13.17 6.04
CA CYS A 78 -7.47 -12.01 5.22
C CYS A 78 -7.25 -12.31 3.74
N VAL A 79 -7.17 -11.26 2.95
CA VAL A 79 -6.95 -11.38 1.52
C VAL A 79 -5.77 -10.48 1.20
N MET A 80 -4.87 -10.95 0.36
CA MET A 80 -3.67 -10.20 0.01
C MET A 80 -3.46 -9.98 -1.47
N MET A 81 -3.07 -8.77 -1.82
CA MET A 81 -2.74 -8.42 -3.19
C MET A 81 -1.24 -8.61 -3.26
N GLN A 82 -0.81 -9.68 -3.90
CA GLN A 82 0.61 -9.93 -4.04
C GLN A 82 1.01 -9.15 -5.29
N GLY A 83 1.25 -7.85 -5.11
CA GLY A 83 1.60 -6.98 -6.21
C GLY A 83 0.47 -5.99 -6.43
N ARG A 84 0.80 -4.74 -6.72
CA ARG A 84 -0.21 -3.72 -6.93
C ARG A 84 -0.09 -3.03 -8.27
N PHE A 85 -0.95 -2.03 -8.49
CA PHE A 85 -0.96 -1.28 -9.73
C PHE A 85 -0.45 0.13 -9.47
N HIS A 86 0.19 0.71 -10.48
CA HIS A 86 0.73 2.05 -10.37
C HIS A 86 0.33 2.88 -11.57
N MET A 87 0.29 4.19 -11.37
CA MET A 87 -0.04 5.13 -12.41
C MET A 87 1.02 5.13 -13.53
N TYR A 88 2.29 4.93 -13.18
CA TYR A 88 3.34 4.91 -14.20
C TYR A 88 3.24 3.75 -15.21
N GLU A 89 2.38 2.77 -14.92
CA GLU A 89 2.18 1.62 -15.82
C GLU A 89 1.23 1.99 -16.93
N GLY A 90 0.54 3.12 -16.76
CA GLY A 90 -0.42 3.59 -17.73
C GLY A 90 -1.85 3.51 -17.23
N TYR A 91 -2.00 3.13 -15.96
CA TYR A 91 -3.31 2.98 -15.34
C TYR A 91 -3.86 4.25 -14.73
N PRO A 92 -5.16 4.51 -14.93
CA PRO A 92 -5.81 5.69 -14.37
C PRO A 92 -6.01 5.33 -12.89
N PHE A 93 -6.14 6.32 -12.02
CA PHE A 93 -6.32 6.04 -10.60
C PHE A 93 -7.58 5.23 -10.28
N TRP A 94 -8.60 5.32 -11.12
CA TRP A 94 -9.83 4.55 -10.89
C TRP A 94 -9.66 3.07 -11.23
N LYS A 95 -8.55 2.74 -11.88
CA LYS A 95 -8.24 1.35 -12.19
C LYS A 95 -7.33 0.85 -11.07
N VAL A 96 -6.37 1.69 -10.71
CA VAL A 96 -5.41 1.37 -9.65
C VAL A 96 -6.12 0.98 -8.34
N THR A 97 -7.19 1.72 -8.03
CA THR A 97 -7.93 1.49 -6.80
C THR A 97 -9.14 0.57 -6.86
N PHE A 98 -9.34 -0.10 -7.99
CA PHE A 98 -10.48 -1.00 -8.16
C PHE A 98 -10.61 -2.04 -7.05
N PRO A 99 -9.51 -2.75 -6.70
CA PRO A 99 -9.59 -3.77 -5.65
C PRO A 99 -10.08 -3.26 -4.30
N VAL A 100 -9.76 -2.01 -3.97
CA VAL A 100 -10.16 -1.46 -2.67
C VAL A 100 -11.67 -1.45 -2.48
N ARG A 101 -12.40 -1.05 -3.51
CA ARG A 101 -13.86 -1.02 -3.40
C ARG A 101 -14.45 -2.41 -3.40
N VAL A 102 -13.79 -3.34 -4.08
CA VAL A 102 -14.27 -4.73 -4.12
C VAL A 102 -14.11 -5.31 -2.72
N PHE A 103 -13.01 -4.97 -2.06
CA PHE A 103 -12.74 -5.45 -0.70
C PHE A 103 -13.87 -5.01 0.23
N ARG A 104 -14.24 -3.73 0.15
CA ARG A 104 -15.33 -3.19 0.96
C ARG A 104 -16.60 -4.04 0.75
N LEU A 105 -16.89 -4.40 -0.50
CA LEU A 105 -18.07 -5.21 -0.81
C LEU A 105 -17.94 -6.68 -0.40
N LEU A 106 -16.73 -7.11 -0.07
CA LEU A 106 -16.50 -8.47 0.39
C LEU A 106 -16.80 -8.51 1.88
N GLY A 107 -16.79 -7.34 2.52
CA GLY A 107 -17.04 -7.26 3.95
C GLY A 107 -15.79 -6.96 4.73
N VAL A 108 -14.73 -6.57 4.03
CA VAL A 108 -13.46 -6.22 4.65
C VAL A 108 -13.67 -4.91 5.42
N GLU A 109 -13.01 -4.76 6.56
CA GLU A 109 -13.15 -3.56 7.37
C GLU A 109 -11.83 -2.83 7.58
N THR A 110 -10.73 -3.56 7.48
CA THR A 110 -9.42 -2.97 7.67
C THR A 110 -8.53 -3.23 6.45
N LEU A 111 -7.79 -2.20 6.08
CA LEU A 111 -6.88 -2.29 4.94
C LEU A 111 -5.49 -1.89 5.41
N VAL A 112 -4.50 -2.76 5.21
CA VAL A 112 -3.15 -2.40 5.58
C VAL A 112 -2.39 -2.28 4.25
N VAL A 113 -1.70 -1.16 4.08
CA VAL A 113 -0.96 -0.92 2.85
C VAL A 113 0.53 -0.93 3.13
N THR A 114 1.30 -1.47 2.19
CA THR A 114 2.74 -1.54 2.33
C THR A 114 3.36 -1.04 1.05
N ASN A 115 4.62 -0.61 1.11
CA ASN A 115 5.31 -0.14 -0.08
C ASN A 115 6.79 -0.03 0.20
N ALA A 116 7.56 0.14 -0.87
CA ALA A 116 9.01 0.30 -0.79
C ALA A 116 9.16 1.80 -1.03
N ALA A 117 9.96 2.47 -0.22
CA ALA A 117 10.15 3.91 -0.37
C ALA A 117 11.57 4.39 -0.18
N GLY A 118 11.87 5.55 -0.76
CA GLY A 118 13.19 6.14 -0.63
C GLY A 118 13.16 7.00 0.62
N GLY A 119 14.22 6.93 1.41
CA GLY A 119 14.26 7.70 2.64
C GLY A 119 14.73 9.12 2.42
N LEU A 120 13.91 10.07 2.86
CA LEU A 120 14.26 11.48 2.75
C LEU A 120 14.79 11.94 4.09
N ASN A 121 14.19 11.41 5.16
CA ASN A 121 14.60 11.75 6.51
C ASN A 121 16.02 11.24 6.75
N PRO A 122 16.97 12.13 7.04
CA PRO A 122 18.36 11.74 7.27
C PRO A 122 18.58 10.70 8.37
N ASN A 123 17.66 10.64 9.33
CA ASN A 123 17.76 9.68 10.44
C ASN A 123 17.40 8.27 10.01
N PHE A 124 16.88 8.14 8.79
CA PHE A 124 16.49 6.83 8.28
C PHE A 124 17.68 6.07 7.73
N GLU A 125 17.65 4.76 7.90
CA GLU A 125 18.72 3.89 7.40
C GLU A 125 18.05 2.85 6.53
N VAL A 126 18.79 2.32 5.57
CA VAL A 126 18.25 1.30 4.69
C VAL A 126 17.83 0.11 5.56
N GLY A 127 16.62 -0.38 5.36
CA GLY A 127 16.12 -1.50 6.15
C GLY A 127 15.08 -1.06 7.17
N ASP A 128 15.00 0.23 7.41
CA ASP A 128 14.04 0.80 8.35
C ASP A 128 12.61 0.57 7.93
N ILE A 129 11.72 0.52 8.92
CA ILE A 129 10.30 0.37 8.69
C ILE A 129 9.72 1.68 9.22
N MET A 130 8.92 2.35 8.42
CA MET A 130 8.33 3.61 8.81
C MET A 130 6.82 3.51 8.80
N LEU A 131 6.19 3.73 9.95
CA LEU A 131 4.73 3.73 10.01
C LEU A 131 4.33 5.01 9.32
N ILE A 132 3.32 4.94 8.47
CA ILE A 132 2.86 6.12 7.76
C ILE A 132 1.86 6.86 8.63
N ARG A 133 2.19 8.05 9.12
CA ARG A 133 1.22 8.75 9.94
C ARG A 133 0.47 9.78 9.14
N ASP A 134 0.96 10.09 7.94
CA ASP A 134 0.33 11.07 7.08
C ASP A 134 0.93 11.00 5.69
N HIS A 135 0.27 11.61 4.71
CA HIS A 135 0.78 11.63 3.34
C HIS A 135 0.61 12.97 2.65
N ILE A 136 1.38 13.18 1.59
CA ILE A 136 1.28 14.39 0.79
C ILE A 136 0.95 13.85 -0.61
N ASN A 137 -0.21 14.21 -1.13
CA ASN A 137 -0.64 13.73 -2.43
C ASN A 137 -0.38 14.70 -3.56
N LEU A 138 0.82 14.63 -4.14
CA LEU A 138 1.21 15.52 -5.24
C LEU A 138 0.28 15.39 -6.45
N PRO A 139 0.05 14.15 -6.95
CA PRO A 139 -0.83 14.04 -8.12
C PRO A 139 -2.19 14.69 -7.83
N GLY A 140 -2.66 14.55 -6.59
CA GLY A 140 -3.93 15.12 -6.17
C GLY A 140 -3.99 16.63 -6.27
N PHE A 141 -2.85 17.28 -6.06
CA PHE A 141 -2.80 18.74 -6.15
C PHE A 141 -3.21 19.23 -7.55
N SER A 142 -2.98 18.41 -8.56
CA SER A 142 -3.30 18.79 -9.93
C SER A 142 -4.63 18.24 -10.45
N GLY A 143 -5.39 17.57 -9.59
CA GLY A 143 -6.67 17.04 -10.02
C GLY A 143 -6.68 15.58 -10.36
N GLU A 144 -5.51 14.93 -10.36
CA GLU A 144 -5.43 13.50 -10.64
C GLU A 144 -5.81 12.80 -9.34
N ASN A 145 -7.06 12.35 -9.28
CA ASN A 145 -7.59 11.76 -8.07
C ASN A 145 -8.56 10.65 -8.44
N PRO A 146 -8.51 9.50 -7.74
CA PRO A 146 -9.41 8.38 -8.01
C PRO A 146 -10.88 8.70 -7.81
N LEU A 147 -11.15 9.79 -7.10
CA LEU A 147 -12.52 10.22 -6.82
C LEU A 147 -13.02 11.30 -7.79
N ARG A 148 -12.20 11.67 -8.76
CA ARG A 148 -12.61 12.68 -9.72
C ARG A 148 -13.76 12.15 -10.56
N GLY A 149 -14.79 12.97 -10.74
CA GLY A 149 -15.95 12.58 -11.51
C GLY A 149 -17.13 12.49 -10.57
N PRO A 150 -18.31 12.06 -11.07
CA PRO A 150 -19.48 11.96 -10.19
C PRO A 150 -19.24 11.03 -9.02
N ASN A 151 -19.72 11.43 -7.85
CA ASN A 151 -19.58 10.65 -6.63
C ASN A 151 -20.61 9.51 -6.53
N GLU A 152 -20.14 8.36 -6.08
CA GLU A 152 -21.01 7.22 -5.90
C GLU A 152 -21.39 7.22 -4.43
N GLU A 153 -22.59 7.72 -4.14
CA GLU A 153 -23.10 7.81 -2.78
C GLU A 153 -23.12 6.48 -2.05
N ARG A 154 -23.23 5.38 -2.78
CA ARG A 154 -23.27 4.06 -2.18
C ARG A 154 -21.93 3.67 -1.54
N PHE A 155 -20.88 4.40 -1.89
CA PHE A 155 -19.56 4.15 -1.33
C PHE A 155 -19.21 5.18 -0.29
N GLY A 156 -19.45 6.45 -0.62
CA GLY A 156 -19.11 7.50 0.34
C GLY A 156 -19.64 8.85 -0.05
N VAL A 157 -19.18 9.85 0.69
CA VAL A 157 -19.59 11.22 0.52
C VAL A 157 -18.75 11.97 -0.52
N ARG A 158 -19.31 13.06 -1.06
CA ARG A 158 -18.63 13.86 -2.07
C ARG A 158 -17.29 14.47 -1.63
N PHE A 159 -17.23 15.00 -0.40
CA PHE A 159 -16.02 15.63 0.11
C PHE A 159 -15.47 14.95 1.37
N PRO A 160 -14.81 13.79 1.20
CA PRO A 160 -14.25 13.07 2.34
C PRO A 160 -13.01 13.73 2.97
N ALA A 161 -12.96 13.75 4.29
CA ALA A 161 -11.84 14.31 5.03
C ALA A 161 -10.69 13.31 4.99
N MET A 162 -9.46 13.81 5.02
CA MET A 162 -8.28 12.94 4.98
C MET A 162 -7.33 13.14 6.15
N SER A 163 -7.57 14.15 6.98
CA SER A 163 -6.69 14.41 8.12
C SER A 163 -6.55 13.25 9.11
N ASP A 164 -7.54 12.37 9.18
CA ASP A 164 -7.51 11.23 10.10
C ASP A 164 -7.39 9.88 9.36
N ALA A 165 -6.80 9.93 8.17
CA ALA A 165 -6.66 8.76 7.32
C ALA A 165 -5.94 7.56 7.92
N TYR A 166 -4.85 7.80 8.63
CA TYR A 166 -4.11 6.69 9.20
C TYR A 166 -4.51 6.46 10.65
N ASP A 167 -5.22 5.36 10.88
CA ASP A 167 -5.73 5.01 12.19
C ASP A 167 -4.74 5.13 13.35
N ARG A 168 -5.09 6.00 14.29
CA ARG A 168 -4.28 6.28 15.47
C ARG A 168 -4.10 5.06 16.36
N ASP A 169 -5.19 4.36 16.65
CA ASP A 169 -5.13 3.18 17.49
C ASP A 169 -4.22 2.09 16.95
N MET A 170 -4.28 1.86 15.64
CA MET A 170 -3.43 0.83 15.05
C MET A 170 -1.97 1.20 15.11
N ARG A 171 -1.67 2.49 15.05
CA ARG A 171 -0.28 2.94 15.13
C ARG A 171 0.27 2.78 16.55
N GLN A 172 -0.60 2.87 17.54
CA GLN A 172 -0.20 2.67 18.93
C GLN A 172 0.12 1.18 19.06
N LYS A 173 -0.75 0.34 18.49
CA LYS A 173 -0.58 -1.11 18.52
C LYS A 173 0.71 -1.52 17.85
N ALA A 174 1.00 -0.90 16.70
CA ALA A 174 2.22 -1.19 15.96
C ALA A 174 3.45 -0.94 16.84
N HIS A 175 3.43 0.17 17.58
CA HIS A 175 4.55 0.50 18.45
C HIS A 175 4.72 -0.49 19.60
N SER A 176 3.62 -0.89 20.23
CA SER A 176 3.69 -1.86 21.33
C SER A 176 4.19 -3.22 20.81
N THR A 177 3.70 -3.62 19.65
CA THR A 177 4.07 -4.89 19.02
C THR A 177 5.57 -4.91 18.69
N TRP A 178 6.07 -3.81 18.14
CA TRP A 178 7.48 -3.71 17.79
C TRP A 178 8.36 -3.91 19.03
N LYS A 179 7.91 -3.38 20.16
CA LYS A 179 8.65 -3.50 21.41
C LYS A 179 8.75 -4.96 21.83
N GLN A 180 7.66 -5.69 21.64
CA GLN A 180 7.63 -7.10 22.03
C GLN A 180 8.55 -7.95 21.17
N MET A 181 8.86 -7.46 19.97
CA MET A 181 9.74 -8.19 19.06
C MET A 181 11.20 -8.10 19.48
N GLY A 182 11.51 -7.15 20.36
CA GLY A 182 12.87 -6.98 20.84
C GLY A 182 13.85 -6.48 19.79
N GLU A 183 13.35 -5.82 18.76
CA GLU A 183 14.20 -5.30 17.70
C GLU A 183 15.23 -4.30 18.22
N GLN A 184 16.33 -4.20 17.51
CA GLN A 184 17.41 -3.29 17.87
C GLN A 184 17.11 -1.85 17.42
N ARG A 185 16.61 -1.68 16.20
CA ARG A 185 16.28 -0.34 15.72
C ARG A 185 14.86 0.04 16.11
N GLU A 186 14.64 1.34 16.26
CA GLU A 186 13.32 1.84 16.64
C GLU A 186 12.43 1.87 15.40
N LEU A 187 11.11 1.75 15.62
CA LEU A 187 10.15 1.80 14.53
C LEU A 187 9.99 3.27 14.16
N GLN A 188 10.25 3.59 12.90
CA GLN A 188 10.12 4.97 12.45
C GLN A 188 8.67 5.29 12.17
N GLU A 189 8.36 6.57 12.02
CA GLU A 189 7.01 7.02 11.74
C GLU A 189 7.11 8.34 11.00
N GLY A 190 6.36 8.51 9.93
CA GLY A 190 6.47 9.75 9.19
C GLY A 190 5.49 9.96 8.07
N THR A 191 5.75 11.02 7.31
CA THR A 191 4.93 11.43 6.19
C THR A 191 5.45 10.84 4.88
N TYR A 192 4.55 10.16 4.19
CA TYR A 192 4.87 9.55 2.91
C TYR A 192 4.41 10.50 1.81
N VAL A 193 5.27 10.77 0.83
CA VAL A 193 4.89 11.63 -0.28
C VAL A 193 4.87 10.83 -1.58
N MET A 194 3.80 10.99 -2.35
CA MET A 194 3.70 10.28 -3.61
C MET A 194 3.86 11.17 -4.83
N LEU A 195 4.62 10.66 -5.80
CA LEU A 195 4.81 11.35 -7.07
C LEU A 195 4.55 10.29 -8.13
N GLY A 196 4.38 10.70 -9.38
CA GLY A 196 4.07 9.76 -10.45
C GLY A 196 5.05 8.71 -10.93
N GLY A 197 6.33 9.08 -11.04
CA GLY A 197 7.32 8.13 -11.53
C GLY A 197 7.25 8.09 -13.05
N PRO A 198 7.87 7.09 -13.71
CA PRO A 198 8.64 5.98 -13.16
C PRO A 198 10.14 6.22 -12.92
N ASN A 199 10.65 7.37 -13.33
CA ASN A 199 12.05 7.65 -13.14
C ASN A 199 12.30 7.97 -11.67
N PHE A 200 13.55 7.87 -11.24
CA PHE A 200 13.90 8.19 -9.87
C PHE A 200 14.17 9.69 -9.79
N GLU A 201 14.12 10.24 -8.58
CA GLU A 201 14.29 11.67 -8.35
C GLU A 201 15.69 12.24 -8.56
N THR A 202 15.73 13.53 -8.87
CA THR A 202 16.98 14.24 -9.04
C THR A 202 17.33 14.77 -7.65
N VAL A 203 18.54 15.27 -7.48
CA VAL A 203 18.95 15.81 -6.19
C VAL A 203 18.03 16.99 -5.80
N ALA A 204 17.82 17.91 -6.73
CA ALA A 204 16.96 19.07 -6.50
C ALA A 204 15.57 18.69 -6.03
N GLU A 205 15.00 17.65 -6.64
CA GLU A 205 13.66 17.18 -6.28
C GLU A 205 13.63 16.60 -4.88
N CYS A 206 14.66 15.87 -4.50
CA CYS A 206 14.73 15.28 -3.17
C CYS A 206 14.84 16.35 -2.09
N ARG A 207 15.68 17.35 -2.31
CA ARG A 207 15.85 18.42 -1.33
C ARG A 207 14.53 19.14 -1.15
N LEU A 208 13.84 19.36 -2.27
CA LEU A 208 12.54 20.01 -2.30
C LEU A 208 11.52 19.22 -1.49
N LEU A 209 11.48 17.91 -1.70
CA LEU A 209 10.54 17.02 -1.01
C LEU A 209 10.77 17.01 0.49
N ARG A 210 12.02 16.89 0.89
CA ARG A 210 12.38 16.87 2.30
C ARG A 210 11.97 18.18 2.94
N ASN A 211 12.23 19.29 2.26
CA ASN A 211 11.87 20.61 2.77
C ASN A 211 10.37 20.85 2.87
N LEU A 212 9.58 20.01 2.17
CA LEU A 212 8.13 20.12 2.23
C LEU A 212 7.65 19.35 3.46
N GLY A 213 8.58 18.64 4.11
CA GLY A 213 8.24 17.88 5.29
C GLY A 213 7.99 16.40 5.04
N ALA A 214 8.47 15.88 3.93
CA ALA A 214 8.26 14.47 3.62
C ALA A 214 9.40 13.65 4.19
N ASP A 215 9.08 12.46 4.70
CA ASP A 215 10.10 11.60 5.26
C ASP A 215 10.54 10.50 4.30
N ALA A 216 9.63 10.09 3.43
CA ALA A 216 9.89 9.03 2.46
C ALA A 216 9.12 9.34 1.18
N VAL A 217 9.69 8.93 0.05
CA VAL A 217 9.08 9.17 -1.25
C VAL A 217 8.78 7.87 -1.98
N GLY A 218 7.63 7.81 -2.66
CA GLY A 218 7.26 6.62 -3.38
C GLY A 218 6.31 6.92 -4.51
N MET A 219 5.95 5.91 -5.30
CA MET A 219 5.07 6.06 -6.46
C MET A 219 3.74 5.32 -6.36
N SER A 220 3.17 5.23 -5.17
CA SER A 220 1.91 4.51 -5.01
C SER A 220 1.27 4.78 -3.66
N THR A 221 0.38 3.86 -3.26
CA THR A 221 -0.29 3.89 -1.97
C THR A 221 -1.35 4.96 -1.69
N VAL A 222 -0.99 6.23 -1.84
CA VAL A 222 -1.95 7.32 -1.58
C VAL A 222 -3.31 7.15 -2.25
N PRO A 223 -3.36 6.77 -3.55
CA PRO A 223 -4.66 6.62 -4.21
C PRO A 223 -5.52 5.58 -3.50
N GLU A 224 -4.91 4.49 -3.06
CA GLU A 224 -5.62 3.41 -2.39
C GLU A 224 -6.15 3.86 -1.04
N VAL A 225 -5.41 4.74 -0.35
CA VAL A 225 -5.82 5.24 0.95
C VAL A 225 -7.02 6.17 0.82
N ILE A 226 -7.03 6.99 -0.21
CA ILE A 226 -8.12 7.93 -0.47
C ILE A 226 -9.43 7.15 -0.65
N VAL A 227 -9.42 6.19 -1.56
CA VAL A 227 -10.59 5.38 -1.83
C VAL A 227 -10.98 4.56 -0.60
N ALA A 228 -9.99 4.04 0.12
CA ALA A 228 -10.26 3.25 1.32
C ALA A 228 -11.00 4.06 2.38
N ARG A 229 -10.52 5.28 2.63
CA ARG A 229 -11.15 6.15 3.62
C ARG A 229 -12.51 6.65 3.14
N HIS A 230 -12.63 6.87 1.83
CA HIS A 230 -13.89 7.33 1.24
C HIS A 230 -15.00 6.31 1.49
N CYS A 231 -14.69 5.02 1.39
CA CYS A 231 -15.69 3.99 1.61
C CYS A 231 -15.75 3.48 3.05
N GLY A 232 -15.01 4.13 3.95
CA GLY A 232 -15.09 3.75 5.36
C GLY A 232 -14.18 2.69 5.92
N LEU A 233 -13.13 2.33 5.20
CA LEU A 233 -12.19 1.33 5.66
C LEU A 233 -11.20 1.94 6.64
N ARG A 234 -10.84 1.18 7.67
CA ARG A 234 -9.87 1.60 8.66
C ARG A 234 -8.55 1.37 7.93
N VAL A 235 -7.66 2.35 7.90
CA VAL A 235 -6.40 2.21 7.19
C VAL A 235 -5.16 2.32 8.05
N PHE A 236 -4.20 1.45 7.78
CA PHE A 236 -2.92 1.41 8.47
C PHE A 236 -1.87 1.04 7.42
N GLY A 237 -0.68 1.63 7.49
CA GLY A 237 0.31 1.29 6.49
C GLY A 237 1.74 1.59 6.90
N PHE A 238 2.69 1.05 6.15
CA PHE A 238 4.10 1.29 6.44
C PHE A 238 4.97 1.18 5.20
N SER A 239 6.09 1.88 5.22
CA SER A 239 7.03 1.87 4.13
C SER A 239 8.29 1.15 4.55
N LEU A 240 8.90 0.43 3.64
CA LEU A 240 10.16 -0.23 3.91
C LEU A 240 11.14 0.72 3.24
N ILE A 241 12.05 1.29 4.02
CA ILE A 241 13.03 2.22 3.46
C ILE A 241 14.05 1.36 2.71
N THR A 242 13.96 1.38 1.38
CA THR A 242 14.84 0.57 0.56
C THR A 242 16.16 1.22 0.17
N ASN A 243 16.27 2.53 0.34
CA ASN A 243 17.49 3.22 0.00
C ASN A 243 17.48 4.64 0.51
N LYS A 244 18.66 5.22 0.64
CA LYS A 244 18.79 6.61 1.06
C LYS A 244 18.89 7.36 -0.27
N VAL A 245 18.02 8.35 -0.48
CA VAL A 245 18.04 9.11 -1.74
C VAL A 245 19.25 10.02 -1.79
N ILE A 246 19.82 10.20 -2.98
CA ILE A 246 20.99 11.06 -3.17
C ILE A 246 20.60 12.51 -2.94
N MET A 247 21.30 13.18 -2.02
CA MET A 247 21.02 14.57 -1.69
C MET A 247 22.14 15.53 -2.05
N ASP A 248 23.23 15.00 -2.60
CA ASP A 248 24.39 15.82 -2.97
C ASP A 248 24.78 15.53 -4.41
N THR A 249 25.24 16.56 -5.11
CA THR A 249 25.63 16.42 -6.52
C THR A 249 26.93 15.63 -6.70
N GLU A 250 27.63 15.35 -5.60
CA GLU A 250 28.85 14.56 -5.66
C GLU A 250 28.40 13.14 -5.36
N SER A 251 27.30 12.75 -5.99
CA SER A 251 26.69 11.43 -5.82
C SER A 251 27.56 10.28 -6.29
N GLN A 252 27.71 9.28 -5.43
CA GLN A 252 28.50 8.10 -5.75
C GLN A 252 27.75 7.23 -6.76
N GLY A 253 26.63 6.65 -6.31
CA GLY A 253 25.84 5.81 -7.18
C GLY A 253 24.52 6.45 -7.55
N LYS A 254 23.58 5.63 -8.01
CA LYS A 254 22.26 6.08 -8.40
C LYS A 254 21.24 4.97 -8.17
N ALA A 255 20.05 5.36 -7.71
CA ALA A 255 18.97 4.42 -7.43
C ALA A 255 18.64 3.47 -8.57
N ASN A 256 18.17 2.27 -8.21
CA ASN A 256 17.80 1.22 -9.17
C ASN A 256 16.78 0.28 -8.53
N HIS A 257 15.92 -0.30 -9.34
CA HIS A 257 14.87 -1.21 -8.87
C HIS A 257 15.44 -2.48 -8.22
N GLU A 258 16.64 -2.88 -8.62
CA GLU A 258 17.26 -4.08 -8.08
C GLU A 258 17.52 -3.94 -6.57
N GLU A 259 18.11 -2.81 -6.19
CA GLU A 259 18.40 -2.52 -4.79
C GLU A 259 17.12 -2.64 -3.96
N VAL A 260 16.02 -2.17 -4.54
CA VAL A 260 14.71 -2.19 -3.90
C VAL A 260 14.24 -3.61 -3.60
N LEU A 261 14.35 -4.48 -4.60
CA LEU A 261 13.93 -5.87 -4.43
C LEU A 261 14.87 -6.64 -3.50
N GLU A 262 16.16 -6.36 -3.60
CA GLU A 262 17.16 -7.01 -2.76
C GLU A 262 16.88 -6.65 -1.29
N ALA A 263 16.56 -5.38 -1.06
CA ALA A 263 16.26 -4.90 0.29
C ALA A 263 15.03 -5.61 0.85
N GLY A 264 14.07 -5.88 -0.02
CA GLY A 264 12.85 -6.56 0.38
C GLY A 264 13.08 -7.90 1.02
N LYS A 265 13.94 -8.72 0.41
CA LYS A 265 14.26 -10.05 0.94
C LYS A 265 14.99 -9.94 2.27
N GLN A 266 15.88 -8.96 2.38
CA GLN A 266 16.64 -8.72 3.59
C GLN A 266 15.73 -8.49 4.79
N ALA A 267 14.72 -7.64 4.61
CA ALA A 267 13.78 -7.32 5.68
C ALA A 267 12.56 -8.26 5.72
N ALA A 268 12.44 -9.13 4.72
CA ALA A 268 11.34 -10.07 4.63
C ALA A 268 10.99 -10.72 5.97
N GLN A 269 11.92 -11.49 6.51
CA GLN A 269 11.72 -12.17 7.79
C GLN A 269 11.23 -11.22 8.90
N LYS A 270 11.75 -10.00 8.90
CA LYS A 270 11.39 -9.00 9.90
C LYS A 270 9.96 -8.48 9.73
N LEU A 271 9.68 -7.85 8.60
CA LEU A 271 8.36 -7.29 8.34
C LEU A 271 7.24 -8.32 8.24
N GLU A 272 7.57 -9.53 7.81
CA GLU A 272 6.58 -10.60 7.73
C GLU A 272 6.17 -10.95 9.16
N GLN A 273 7.16 -11.04 10.03
CA GLN A 273 6.94 -11.34 11.43
C GLN A 273 6.09 -10.24 12.05
N PHE A 274 6.41 -9.00 11.69
CA PHE A 274 5.70 -7.84 12.20
C PHE A 274 4.22 -7.85 11.81
N VAL A 275 3.93 -8.02 10.52
CA VAL A 275 2.56 -8.03 10.03
C VAL A 275 1.76 -9.21 10.61
N SER A 276 2.38 -10.37 10.73
CA SER A 276 1.67 -11.52 11.28
C SER A 276 1.30 -11.27 12.74
N LEU A 277 2.22 -10.73 13.52
CA LEU A 277 1.95 -10.42 14.92
C LEU A 277 0.87 -9.33 15.03
N LEU A 278 0.91 -8.37 14.11
CA LEU A 278 -0.04 -7.28 14.08
C LEU A 278 -1.48 -7.77 13.89
N MET A 279 -1.64 -8.92 13.24
CA MET A 279 -2.97 -9.51 13.00
C MET A 279 -3.73 -9.76 14.30
N ALA A 280 -3.00 -9.98 15.38
CA ALA A 280 -3.61 -10.23 16.67
C ALA A 280 -4.36 -9.00 17.17
N SER A 281 -3.95 -7.82 16.70
CA SER A 281 -4.58 -6.57 17.08
C SER A 281 -5.52 -6.10 15.97
N ILE A 282 -6.75 -5.77 16.33
CA ILE A 282 -7.76 -5.31 15.38
C ILE A 282 -8.80 -4.40 16.03
#